data_9UV8
#
_entry.id   9UV8
#
_cell.length_a   56.249
_cell.length_b   80.002
_cell.length_c   57.692
_cell.angle_alpha   90.00
_cell.angle_beta   116.40
_cell.angle_gamma   90.00
#
_symmetry.space_group_name_H-M   'P 1 21 1'
#
loop_
_entity.id
_entity.type
_entity.pdbx_description
1 polymer 'HLA class I histocompatibility antigen, A alpha chain'
2 polymer Beta-2-microglobulin
3 polymer 'KRAS G12D-9mer (VVGADGVGK)'
4 water water
#
loop_
_entity_poly.entity_id
_entity_poly.type
_entity_poly.pdbx_seq_one_letter_code
_entity_poly.pdbx_strand_id
1 'polypeptide(L)'
;MGSHSMRYFYTSVSRPGRGEPRFIAVGYVDDTQFVRFDSDAASQRMEPRAPWIEQEGPEYWDQETRNVKAQSQTDRVDLG
TLRGYYNQSEDGSHTIQIMYGCDVGPDGRFLRGYRQDAYDGKDYIALNEDLRSWTAADMAAQITKRKWEAAHAAEQQRAY
LEGRCVEWLRRYLENGKETLQRTDPPKTHMTHHPISDHEATLRCWALGFYPAEITLTWQRDGEDQTQDTELVETRPAGDG
TFQKWAAVVVPSGEEQRYTCHVQHEGLPKPLTLRWE
;
A
2 'polypeptide(L)'
;MIQRTPKIQVYSRHPAENGKSNFLNCYVSGFHPSDIEVDLLKNGERIEKVEHSDLSFSKDWSFYLLYYTEFTPTEKDEYA
CRVNHVTLSQPKIVKWDRDMGSGGSGAGLNDIFEAQKIEWHE
;
B
3 'polypeptide(L)' VVGADGVGK C
#
# COMPACT_ATOMS: atom_id res chain seq x y z
N GLY A 2 9.60 10.27 16.23
CA GLY A 2 8.28 9.78 16.57
C GLY A 2 8.28 8.27 16.54
N SER A 3 7.10 7.68 16.44
CA SER A 3 6.93 6.23 16.39
C SER A 3 7.34 5.67 15.03
N HIS A 4 7.63 4.37 15.01
CA HIS A 4 8.03 3.70 13.78
C HIS A 4 7.41 2.32 13.75
N SER A 5 7.28 1.77 12.53
CA SER A 5 6.67 0.45 12.36
C SER A 5 7.48 -0.39 11.39
N MET A 6 7.52 -1.70 11.64
CA MET A 6 7.89 -2.73 10.67
C MET A 6 6.68 -3.59 10.38
N ARG A 7 6.41 -3.82 9.09
CA ARG A 7 5.27 -4.66 8.69
C ARG A 7 5.68 -5.56 7.54
N TYR A 8 5.21 -6.80 7.57
CA TYR A 8 5.31 -7.73 6.45
C TYR A 8 3.92 -8.11 5.98
N PHE A 9 3.75 -8.18 4.65
CA PHE A 9 2.50 -8.50 3.98
C PHE A 9 2.76 -9.71 3.10
N TYR A 10 1.98 -10.77 3.28
CA TYR A 10 2.10 -11.98 2.48
C TYR A 10 0.79 -12.21 1.75
N THR A 11 0.88 -12.62 0.49
CA THR A 11 -0.28 -12.97 -0.32
C THR A 11 0.01 -14.32 -0.97
N SER A 12 -0.88 -15.29 -0.75
CA SER A 12 -0.78 -16.59 -1.39
C SER A 12 -2.06 -16.85 -2.15
N VAL A 13 -1.93 -17.19 -3.44
CA VAL A 13 -3.08 -17.35 -4.35
C VAL A 13 -2.94 -18.71 -5.02
N SER A 14 -3.90 -19.60 -4.79
CA SER A 14 -3.80 -20.89 -5.43
C SER A 14 -4.07 -20.78 -6.93
N ARG A 15 -3.55 -21.76 -7.66
CA ARG A 15 -3.55 -21.80 -9.12
C ARG A 15 -4.04 -23.18 -9.54
N PRO A 16 -5.35 -23.41 -9.48
CA PRO A 16 -5.87 -24.78 -9.68
C PRO A 16 -5.58 -25.37 -11.05
N GLY A 17 -5.37 -24.54 -12.08
CA GLY A 17 -5.09 -25.08 -13.40
C GLY A 17 -3.78 -25.81 -13.48
N ARG A 18 -2.75 -25.31 -12.80
CA ARG A 18 -1.45 -25.95 -12.83
C ARG A 18 -0.51 -25.36 -11.80
N GLY A 19 0.11 -26.20 -10.99
CA GLY A 19 1.27 -25.81 -10.22
C GLY A 19 0.98 -25.21 -8.86
N GLU A 20 2.04 -24.70 -8.28
CA GLU A 20 2.06 -24.21 -6.90
C GLU A 20 1.37 -22.85 -6.78
N PRO A 21 0.93 -22.49 -5.58
CA PRO A 21 0.33 -21.16 -5.39
C PRO A 21 1.38 -20.09 -5.62
N ARG A 22 0.91 -18.92 -6.04
CA ARG A 22 1.77 -17.76 -6.13
C ARG A 22 1.90 -17.14 -4.74
N PHE A 23 3.13 -16.81 -4.36
CA PHE A 23 3.40 -16.26 -3.03
C PHE A 23 4.22 -15.00 -3.22
N ILE A 24 3.72 -13.89 -2.70
CA ILE A 24 4.41 -12.62 -2.73
C ILE A 24 4.52 -12.08 -1.31
N ALA A 25 5.72 -11.72 -0.90
CA ALA A 25 5.95 -11.13 0.40
C ALA A 25 6.65 -9.80 0.22
N VAL A 26 6.19 -8.79 0.95
CA VAL A 26 6.84 -7.48 0.92
C VAL A 26 7.04 -7.02 2.36
N GLY A 27 8.18 -6.38 2.63
CA GLY A 27 8.48 -5.85 3.96
C GLY A 27 8.65 -4.35 3.90
N TYR A 28 8.13 -3.66 4.93
CA TYR A 28 8.16 -2.20 5.06
C TYR A 28 8.72 -1.79 6.39
N VAL A 29 9.46 -0.67 6.40
CA VAL A 29 9.66 0.15 7.59
C VAL A 29 8.90 1.43 7.33
N ASP A 30 7.92 1.73 8.18
CA ASP A 30 7.04 2.89 7.97
C ASP A 30 6.48 2.78 6.55
N ASP A 31 6.62 3.81 5.72
CA ASP A 31 6.12 3.74 4.36
C ASP A 31 7.23 3.43 3.33
N THR A 32 8.31 2.80 3.76
CA THR A 32 9.41 2.42 2.85
C THR A 32 9.48 0.91 2.70
N GLN A 33 9.23 0.42 1.50
CA GLN A 33 9.50 -0.99 1.20
C GLN A 33 10.99 -1.24 1.24
N PHE A 34 11.39 -2.35 1.88
CA PHE A 34 12.82 -2.68 1.89
C PHE A 34 13.15 -4.09 1.45
N VAL A 35 12.21 -5.04 1.40
CA VAL A 35 12.51 -6.37 0.89
C VAL A 35 11.30 -6.90 0.13
N ARG A 36 11.54 -7.94 -0.68
CA ARG A 36 10.44 -8.64 -1.32
C ARG A 36 10.87 -10.06 -1.64
N PHE A 37 9.87 -10.93 -1.69
CA PHE A 37 10.01 -12.27 -2.23
C PHE A 37 8.84 -12.51 -3.17
N ASP A 38 9.12 -13.05 -4.36
CA ASP A 38 8.06 -13.37 -5.32
C ASP A 38 8.34 -14.77 -5.83
N SER A 39 7.42 -15.71 -5.57
CA SER A 39 7.66 -17.09 -5.95
C SER A 39 7.81 -17.25 -7.45
N ASP A 40 7.30 -16.29 -8.23
CA ASP A 40 7.42 -16.33 -9.68
C ASP A 40 8.76 -15.78 -10.19
N ALA A 41 9.57 -15.17 -9.33
CA ALA A 41 10.81 -14.55 -9.78
C ALA A 41 11.93 -15.57 -9.87
N ALA A 42 13.05 -15.11 -10.46
CA ALA A 42 14.18 -15.97 -10.83
C ALA A 42 15.09 -16.26 -9.64
N SER A 43 15.41 -15.23 -8.84
CA SER A 43 16.29 -15.44 -7.70
C SER A 43 15.83 -16.60 -6.83
N GLN A 44 14.52 -16.73 -6.63
CA GLN A 44 13.99 -17.56 -5.55
C GLN A 44 14.58 -17.15 -4.21
N ARG A 45 14.85 -15.85 -4.05
CA ARG A 45 15.50 -15.35 -2.85
C ARG A 45 14.76 -14.11 -2.35
N MET A 46 14.88 -13.85 -1.06
CA MET A 46 14.50 -12.51 -0.62
C MET A 46 15.44 -11.50 -1.25
N GLU A 47 14.88 -10.40 -1.74
CA GLU A 47 15.64 -9.41 -2.48
C GLU A 47 15.53 -8.05 -1.83
N PRO A 48 16.62 -7.27 -1.85
CA PRO A 48 16.59 -5.91 -1.31
C PRO A 48 15.77 -4.99 -2.18
N ARG A 49 15.12 -4.01 -1.55
CA ARG A 49 14.35 -3.04 -2.30
C ARG A 49 14.59 -1.63 -1.77
N ALA A 50 15.55 -1.45 -0.86
CA ALA A 50 16.02 -0.18 -0.36
C ALA A 50 17.53 -0.23 -0.25
N PRO A 51 18.22 0.89 -0.49
CA PRO A 51 19.69 0.87 -0.45
C PRO A 51 20.26 0.46 0.90
N TRP A 52 19.60 0.83 2.00
CA TRP A 52 20.18 0.62 3.31
C TRP A 52 20.06 -0.81 3.82
N ILE A 53 19.28 -1.67 3.15
CA ILE A 53 19.29 -3.08 3.53
C ILE A 53 20.38 -3.85 2.80
N GLU A 54 20.92 -3.30 1.71
CA GLU A 54 21.88 -4.05 0.90
C GLU A 54 23.17 -4.34 1.67
N GLN A 55 23.47 -3.54 2.69
CA GLN A 55 24.67 -3.77 3.49
C GLN A 55 24.61 -5.06 4.30
N GLU A 56 23.42 -5.64 4.50
CA GLU A 56 23.35 -6.90 5.23
C GLU A 56 24.08 -7.99 4.44
N GLY A 57 24.75 -8.89 5.17
CA GLY A 57 25.61 -9.88 4.57
C GLY A 57 24.85 -11.10 4.09
N PRO A 58 25.57 -12.02 3.44
CA PRO A 58 24.90 -13.19 2.85
C PRO A 58 24.19 -14.08 3.87
N GLU A 59 24.62 -14.08 5.13
CA GLU A 59 23.90 -14.87 6.12
C GLU A 59 22.51 -14.30 6.38
N TYR A 60 22.35 -12.98 6.27
CA TYR A 60 21.03 -12.36 6.37
C TYR A 60 20.13 -12.82 5.25
N TRP A 61 20.61 -12.71 4.01
CA TRP A 61 19.78 -13.06 2.86
C TRP A 61 19.48 -14.56 2.84
N ASP A 62 20.43 -15.40 3.25
CA ASP A 62 20.18 -16.85 3.29
C ASP A 62 19.09 -17.19 4.29
N GLN A 63 19.23 -16.69 5.52
CA GLN A 63 18.25 -16.89 6.58
C GLN A 63 16.87 -16.38 6.17
N GLU A 64 16.81 -15.14 5.67
CA GLU A 64 15.51 -14.57 5.29
C GLU A 64 14.87 -15.36 4.17
N THR A 65 15.69 -15.79 3.20
CA THR A 65 15.17 -16.61 2.11
C THR A 65 14.60 -17.92 2.65
N ARG A 66 15.31 -18.56 3.59
CA ARG A 66 14.83 -19.86 4.05
C ARG A 66 13.57 -19.71 4.90
N ASN A 67 13.49 -18.66 5.72
CA ASN A 67 12.30 -18.50 6.54
C ASN A 67 11.08 -18.17 5.69
N VAL A 68 11.23 -17.29 4.70
CA VAL A 68 10.08 -16.89 3.91
C VAL A 68 9.61 -18.04 3.01
N LYS A 69 10.55 -18.84 2.49
CA LYS A 69 10.17 -20.01 1.70
C LYS A 69 9.39 -21.01 2.53
N ALA A 70 9.87 -21.30 3.75
CA ALA A 70 9.14 -22.21 4.63
C ALA A 70 7.75 -21.67 4.92
N GLN A 71 7.64 -20.36 5.18
CA GLN A 71 6.32 -19.79 5.41
C GLN A 71 5.42 -19.94 4.17
N SER A 72 5.99 -19.74 2.99
CA SER A 72 5.23 -19.95 1.76
C SER A 72 4.69 -21.38 1.64
N GLN A 73 5.46 -22.38 2.10
CA GLN A 73 4.98 -23.75 2.06
C GLN A 73 3.86 -23.95 3.10
N THR A 74 3.98 -23.31 4.26
CA THR A 74 2.87 -23.35 5.21
C THR A 74 1.60 -22.78 4.58
N ASP A 75 1.72 -21.66 3.85
CA ASP A 75 0.54 -21.11 3.17
C ASP A 75 -0.02 -22.08 2.13
N ARG A 76 0.87 -22.81 1.44
CA ARG A 76 0.40 -23.85 0.52
C ARG A 76 -0.47 -24.87 1.21
N VAL A 77 0.03 -25.42 2.33
CA VAL A 77 -0.75 -26.41 3.06
C VAL A 77 -2.06 -25.81 3.52
N ASP A 78 -1.99 -24.58 4.04
CA ASP A 78 -3.16 -23.91 4.60
C ASP A 78 -4.24 -23.66 3.57
N LEU A 79 -3.85 -23.32 2.33
CA LEU A 79 -4.88 -23.18 1.28
C LEU A 79 -5.67 -24.48 1.09
N GLY A 80 -4.98 -25.63 1.11
CA GLY A 80 -5.69 -26.89 1.02
C GLY A 80 -6.58 -27.14 2.24
N THR A 81 -6.03 -26.89 3.43
CA THR A 81 -6.80 -27.08 4.66
C THR A 81 -8.07 -26.25 4.68
N LEU A 82 -7.96 -24.96 4.37
CA LEU A 82 -9.12 -24.08 4.43
C LEU A 82 -10.14 -24.42 3.35
N ARG A 83 -9.67 -24.85 2.18
CA ARG A 83 -10.59 -25.35 1.17
C ARG A 83 -11.48 -26.43 1.75
N GLY A 84 -10.87 -27.36 2.50
CA GLY A 84 -11.66 -28.40 3.16
C GLY A 84 -12.61 -27.86 4.22
N TYR A 85 -12.11 -26.99 5.11
CA TYR A 85 -12.98 -26.41 6.13
C TYR A 85 -14.23 -25.79 5.53
N TYR A 86 -14.08 -25.09 4.41
CA TYR A 86 -15.17 -24.38 3.76
C TYR A 86 -15.90 -25.25 2.74
N ASN A 87 -15.48 -26.50 2.57
CA ASN A 87 -16.12 -27.46 1.66
C ASN A 87 -16.12 -26.93 0.23
N GLN A 88 -14.97 -26.40 -0.19
CA GLN A 88 -14.85 -25.75 -1.48
C GLN A 88 -14.25 -26.71 -2.50
N SER A 89 -14.62 -26.52 -3.77
CA SER A 89 -14.05 -27.42 -4.75
C SER A 89 -12.61 -27.02 -5.04
N GLU A 90 -11.85 -27.96 -5.56
CA GLU A 90 -10.48 -27.62 -5.91
C GLU A 90 -10.38 -27.04 -7.30
N ASP A 91 -11.51 -26.68 -7.91
CA ASP A 91 -11.53 -25.98 -9.19
C ASP A 91 -11.21 -24.50 -9.05
N GLY A 92 -11.50 -23.91 -7.90
CA GLY A 92 -11.46 -22.46 -7.73
C GLY A 92 -10.15 -21.97 -7.14
N SER A 93 -9.80 -20.74 -7.48
CA SER A 93 -8.63 -20.07 -6.91
C SER A 93 -9.04 -19.33 -5.64
N HIS A 94 -8.20 -19.43 -4.61
CA HIS A 94 -8.47 -18.75 -3.34
C HIS A 94 -7.20 -18.08 -2.82
N THR A 95 -7.39 -17.17 -1.88
CA THR A 95 -6.31 -16.30 -1.39
C THR A 95 -6.21 -16.31 0.11
N ILE A 96 -4.99 -16.49 0.61
CA ILE A 96 -4.67 -16.22 2.01
C ILE A 96 -3.79 -14.98 2.08
N GLN A 97 -4.11 -14.07 2.99
CA GLN A 97 -3.27 -12.90 3.23
C GLN A 97 -2.88 -12.84 4.70
N ILE A 98 -1.65 -12.40 4.95
CA ILE A 98 -1.12 -12.28 6.30
C ILE A 98 -0.44 -10.93 6.43
N MET A 99 -0.77 -10.19 7.50
CA MET A 99 -0.04 -8.98 7.86
C MET A 99 0.43 -9.10 9.30
N TYR A 100 1.70 -8.76 9.54
CA TYR A 100 2.19 -8.78 10.92
C TYR A 100 3.32 -7.77 11.08
N GLY A 101 3.68 -7.49 12.32
CA GLY A 101 4.80 -6.61 12.58
C GLY A 101 4.65 -5.91 13.92
N CYS A 102 5.52 -4.92 14.14
CA CYS A 102 5.63 -4.28 15.44
C CYS A 102 5.81 -2.78 15.27
N ASP A 103 5.38 -2.03 16.28
CA ASP A 103 5.63 -0.60 16.38
C ASP A 103 6.56 -0.35 17.55
N VAL A 104 7.48 0.62 17.40
CA VAL A 104 8.23 1.18 18.52
C VAL A 104 7.82 2.64 18.70
N GLY A 105 7.89 3.10 19.93
CA GLY A 105 7.61 4.50 20.21
C GLY A 105 8.83 5.37 19.96
N PRO A 106 8.74 6.65 20.31
CA PRO A 106 9.89 7.55 20.09
C PRO A 106 11.13 7.12 20.85
N ASP A 107 10.97 6.34 21.90
CA ASP A 107 12.11 5.84 22.67
C ASP A 107 12.74 4.60 22.06
N GLY A 108 12.22 4.11 20.92
CA GLY A 108 12.72 2.89 20.33
C GLY A 108 12.29 1.62 21.04
N ARG A 109 11.38 1.70 22.00
CA ARG A 109 10.91 0.55 22.76
C ARG A 109 9.59 0.05 22.20
N PHE A 110 9.36 -1.25 22.38
CA PHE A 110 8.13 -1.90 21.93
C PHE A 110 6.89 -1.14 22.37
N LEU A 111 6.01 -0.86 21.42
CA LEU A 111 4.72 -0.22 21.65
C LEU A 111 3.54 -1.15 21.41
N ARG A 112 3.57 -1.94 20.34
CA ARG A 112 2.42 -2.72 19.93
C ARG A 112 2.87 -3.77 18.92
N GLY A 113 2.18 -4.91 18.92
CA GLY A 113 2.44 -5.96 17.95
C GLY A 113 1.15 -6.35 17.26
N TYR A 114 1.29 -6.90 16.05
CA TYR A 114 0.18 -7.20 15.15
C TYR A 114 0.43 -8.53 14.45
N ARG A 115 -0.62 -9.32 14.28
CA ARG A 115 -0.60 -10.49 13.40
C ARG A 115 -2.05 -10.74 13.03
N GLN A 116 -2.38 -10.62 11.73
CA GLN A 116 -3.76 -10.76 11.25
C GLN A 116 -3.78 -11.56 9.95
N ASP A 117 -4.74 -12.47 9.80
CA ASP A 117 -4.86 -13.32 8.61
C ASP A 117 -6.24 -13.26 7.99
N ALA A 118 -6.30 -13.36 6.66
CA ALA A 118 -7.52 -13.31 5.90
C ALA A 118 -7.65 -14.54 5.01
N TYR A 119 -8.89 -14.85 4.63
CA TYR A 119 -9.16 -15.82 3.57
C TYR A 119 -10.18 -15.21 2.62
N ASP A 120 -9.85 -15.25 1.32
CA ASP A 120 -10.62 -14.62 0.26
C ASP A 120 -11.05 -13.20 0.63
N GLY A 121 -10.15 -12.47 1.28
CA GLY A 121 -10.40 -11.07 1.54
C GLY A 121 -11.25 -10.77 2.76
N LYS A 122 -11.60 -11.79 3.54
CA LYS A 122 -12.35 -11.57 4.76
C LYS A 122 -11.51 -11.99 5.97
N ASP A 123 -11.70 -11.31 7.11
CA ASP A 123 -11.00 -11.70 8.33
C ASP A 123 -11.12 -13.20 8.56
N TYR A 124 -9.99 -13.83 8.92
CA TYR A 124 -10.01 -15.24 9.31
C TYR A 124 -9.61 -15.40 10.77
N ILE A 125 -8.37 -15.08 11.15
CA ILE A 125 -7.96 -15.15 12.56
C ILE A 125 -6.95 -14.04 12.80
N ALA A 126 -6.98 -13.49 14.01
CA ALA A 126 -6.16 -12.33 14.33
C ALA A 126 -5.65 -12.48 15.75
N LEU A 127 -4.40 -12.09 15.97
CA LEU A 127 -3.87 -12.03 17.34
C LEU A 127 -4.42 -10.79 18.02
N ASN A 128 -4.90 -10.92 19.25
CA ASN A 128 -5.42 -9.76 19.97
C ASN A 128 -4.27 -8.90 20.49
N GLU A 129 -4.61 -7.66 20.86
CA GLU A 129 -3.57 -6.70 21.28
C GLU A 129 -2.74 -7.22 22.45
N ASP A 130 -3.32 -8.08 23.32
CA ASP A 130 -2.50 -8.56 24.42
C ASP A 130 -1.48 -9.60 23.98
N LEU A 131 -1.48 -10.01 22.71
CA LEU A 131 -0.54 -10.97 22.16
C LEU A 131 -0.63 -12.32 22.87
N ARG A 132 -1.78 -12.58 23.50
CA ARG A 132 -2.00 -13.84 24.20
C ARG A 132 -3.27 -14.55 23.76
N SER A 133 -4.13 -13.92 22.97
CA SER A 133 -5.42 -14.50 22.60
C SER A 133 -5.71 -14.23 21.13
N TRP A 134 -6.62 -15.03 20.59
CA TRP A 134 -6.96 -15.00 19.19
C TRP A 134 -8.43 -14.62 19.02
N THR A 135 -8.70 -13.89 17.94
CA THR A 135 -10.05 -13.68 17.45
C THR A 135 -10.24 -14.46 16.17
N ALA A 136 -11.16 -15.43 16.18
CA ALA A 136 -11.53 -16.21 15.01
C ALA A 136 -12.88 -15.70 14.51
N ALA A 137 -12.97 -15.42 13.21
CA ALA A 137 -14.17 -14.78 12.67
C ALA A 137 -15.33 -15.74 12.48
N ASP A 138 -15.05 -17.02 12.22
CA ASP A 138 -16.10 -18.00 11.91
C ASP A 138 -15.66 -19.36 12.47
N MET A 139 -16.48 -20.38 12.20
CA MET A 139 -16.22 -21.72 12.73
C MET A 139 -15.04 -22.40 12.08
N ALA A 140 -14.68 -22.03 10.85
CA ALA A 140 -13.45 -22.58 10.29
C ALA A 140 -12.24 -22.00 11.04
N ALA A 141 -12.23 -20.68 11.23
CA ALA A 141 -11.15 -20.08 11.99
C ALA A 141 -11.14 -20.58 13.42
N GLN A 142 -12.30 -20.97 13.96
CA GLN A 142 -12.34 -21.46 15.33
C GLN A 142 -11.57 -22.77 15.46
N ILE A 143 -11.63 -23.63 14.43
CA ILE A 143 -10.78 -24.84 14.41
C ILE A 143 -9.32 -24.46 14.50
N THR A 144 -8.87 -23.57 13.63
CA THR A 144 -7.50 -23.06 13.67
C THR A 144 -7.15 -22.51 15.05
N LYS A 145 -8.04 -21.69 15.61
CA LYS A 145 -7.80 -21.13 16.95
C LYS A 145 -7.57 -22.22 17.98
N ARG A 146 -8.40 -23.26 17.98
CA ARG A 146 -8.22 -24.35 18.94
C ARG A 146 -6.88 -25.04 18.74
N LYS A 147 -6.48 -25.27 17.48
CA LYS A 147 -5.17 -25.83 17.21
C LYS A 147 -4.05 -24.91 17.68
N TRP A 148 -4.20 -23.61 17.46
CA TRP A 148 -3.12 -22.68 17.80
C TRP A 148 -2.99 -22.51 19.30
N GLU A 149 -4.10 -22.56 20.03
CA GLU A 149 -4.02 -22.55 21.50
C GLU A 149 -3.27 -23.76 22.02
N ALA A 150 -3.60 -24.95 21.51
CA ALA A 150 -2.95 -26.17 21.98
C ALA A 150 -1.46 -26.18 21.63
N ALA A 151 -1.10 -25.56 20.51
CA ALA A 151 0.29 -25.44 20.08
C ALA A 151 1.03 -24.28 20.73
N HIS A 152 0.35 -23.46 21.53
CA HIS A 152 0.94 -22.25 22.13
C HIS A 152 1.54 -21.35 21.05
N ALA A 153 0.80 -21.22 19.94
CA ALA A 153 1.25 -20.37 18.84
C ALA A 153 1.40 -18.91 19.25
N ALA A 154 0.52 -18.42 20.12
CA ALA A 154 0.56 -17.01 20.49
C ALA A 154 1.87 -16.67 21.19
N GLU A 155 2.36 -17.58 22.01
CA GLU A 155 3.60 -17.36 22.73
C GLU A 155 4.78 -17.23 21.77
N GLN A 156 4.82 -18.06 20.72
CA GLN A 156 5.87 -17.97 19.69
C GLN A 156 5.75 -16.66 18.90
N GLN A 157 4.52 -16.28 18.54
CA GLN A 157 4.31 -15.01 17.86
C GLN A 157 4.77 -13.84 18.70
N ARG A 158 4.41 -13.87 19.98
CA ARG A 158 4.72 -12.79 20.92
C ARG A 158 6.22 -12.62 21.12
N ALA A 159 6.93 -13.74 21.27
CA ALA A 159 8.38 -13.67 21.41
C ALA A 159 9.03 -12.96 20.23
N TYR A 160 8.56 -13.25 19.01
CA TYR A 160 9.09 -12.56 17.84
C TYR A 160 8.75 -11.07 17.85
N LEU A 161 7.48 -10.74 18.08
CA LEU A 161 7.01 -9.35 17.99
C LEU A 161 7.66 -8.46 19.04
N GLU A 162 7.96 -9.01 20.22
CA GLU A 162 8.58 -8.24 21.29
C GLU A 162 10.11 -8.30 21.25
N GLY A 163 10.66 -9.22 20.47
CA GLY A 163 12.08 -9.51 20.45
C GLY A 163 12.74 -9.13 19.15
N ARG A 164 12.92 -10.12 18.25
CA ARG A 164 13.61 -9.86 16.99
C ARG A 164 12.94 -8.75 16.20
N CYS A 165 11.60 -8.68 16.22
CA CYS A 165 10.94 -7.64 15.43
C CYS A 165 11.41 -6.26 15.87
N VAL A 166 11.39 -5.98 17.18
CA VAL A 166 11.77 -4.64 17.61
C VAL A 166 13.27 -4.45 17.48
N GLU A 167 14.05 -5.51 17.67
CA GLU A 167 15.51 -5.38 17.61
C GLU A 167 16.00 -5.05 16.21
N TRP A 168 15.45 -5.70 15.20
CA TRP A 168 15.87 -5.43 13.85
C TRP A 168 15.24 -4.15 13.30
N LEU A 169 14.01 -3.83 13.72
CA LEU A 169 13.46 -2.51 13.40
C LEU A 169 14.42 -1.41 13.81
N ARG A 170 14.92 -1.44 15.04
CA ARG A 170 15.88 -0.44 15.50
C ARG A 170 17.12 -0.43 14.62
N ARG A 171 17.61 -1.62 14.25
CA ARG A 171 18.80 -1.69 13.42
C ARG A 171 18.57 -1.03 12.07
N TYR A 172 17.43 -1.33 11.44
CA TYR A 172 17.11 -0.74 10.15
C TYR A 172 17.00 0.77 10.25
N LEU A 173 16.35 1.26 11.30
CA LEU A 173 16.15 2.69 11.46
C LEU A 173 17.48 3.41 11.58
N GLU A 174 18.46 2.80 12.23
CA GLU A 174 19.79 3.43 12.33
C GLU A 174 20.55 3.32 11.00
N ASN A 175 20.58 2.13 10.40
CA ASN A 175 21.27 1.96 9.13
C ASN A 175 20.64 2.80 8.03
N GLY A 176 19.33 2.99 8.07
CA GLY A 176 18.66 3.76 7.05
C GLY A 176 18.33 5.17 7.49
N LYS A 177 18.99 5.67 8.56
CA LYS A 177 18.48 6.87 9.22
C LYS A 177 18.38 8.08 8.31
N GLU A 178 19.27 8.20 7.32
CA GLU A 178 19.26 9.40 6.47
C GLU A 178 17.97 9.56 5.68
N THR A 179 17.23 8.47 5.44
CA THR A 179 15.89 8.57 4.87
C THR A 179 14.80 8.16 5.85
N LEU A 180 14.97 7.04 6.56
CA LEU A 180 13.91 6.54 7.43
C LEU A 180 13.58 7.48 8.57
N GLN A 181 14.55 8.26 9.05
CA GLN A 181 14.33 9.16 10.18
C GLN A 181 14.37 10.63 9.78
N ARG A 182 14.16 10.93 8.50
CA ARG A 182 13.92 12.29 8.04
C ARG A 182 12.51 12.40 7.50
N THR A 183 11.87 13.53 7.76
CA THR A 183 10.55 13.80 7.21
C THR A 183 10.71 14.70 6.00
N ASP A 184 9.92 14.45 4.98
CA ASP A 184 9.86 15.39 3.88
C ASP A 184 8.53 16.11 3.95
N PRO A 185 8.49 17.38 4.31
CA PRO A 185 7.20 18.09 4.42
C PRO A 185 6.57 18.25 3.05
N PRO A 186 5.25 18.43 2.99
CA PRO A 186 4.60 18.58 1.68
C PRO A 186 4.98 19.90 1.03
N LYS A 187 5.24 19.83 -0.27
CA LYS A 187 5.36 21.00 -1.11
C LYS A 187 3.95 21.35 -1.60
N THR A 188 3.47 22.54 -1.30
CA THR A 188 2.06 22.82 -1.54
C THR A 188 1.89 23.96 -2.54
N HIS A 189 0.76 23.92 -3.24
CA HIS A 189 0.32 25.03 -4.07
C HIS A 189 -1.16 24.83 -4.37
N MET A 190 -1.78 25.86 -4.94
CA MET A 190 -3.19 25.80 -5.27
C MET A 190 -3.36 26.13 -6.75
N THR A 191 -4.32 25.47 -7.38
CA THR A 191 -4.71 25.78 -8.75
C THR A 191 -6.15 26.27 -8.78
N HIS A 192 -6.47 27.06 -9.82
CA HIS A 192 -7.79 27.66 -10.06
C HIS A 192 -8.35 27.15 -11.39
N HIS A 193 -9.54 26.57 -11.36
CA HIS A 193 -10.20 26.09 -12.58
C HIS A 193 -11.63 26.60 -12.69
N PRO A 194 -11.88 27.62 -13.53
CA PRO A 194 -13.27 28.03 -13.78
C PRO A 194 -14.07 26.88 -14.34
N ILE A 195 -15.28 26.70 -13.81
CA ILE A 195 -16.18 25.69 -14.36
C ILE A 195 -17.42 26.31 -14.99
N SER A 196 -17.59 27.62 -14.84
CA SER A 196 -18.71 28.38 -15.38
C SER A 196 -18.34 29.85 -15.28
N ASP A 197 -19.21 30.72 -15.78
CA ASP A 197 -18.96 32.15 -15.60
C ASP A 197 -19.04 32.56 -14.13
N HIS A 198 -19.58 31.71 -13.26
CA HIS A 198 -19.87 32.12 -11.88
C HIS A 198 -19.29 31.19 -10.81
N GLU A 199 -18.65 30.10 -11.16
CA GLU A 199 -18.13 29.14 -10.20
C GLU A 199 -16.73 28.73 -10.61
N ALA A 200 -15.93 28.31 -9.63
CA ALA A 200 -14.59 27.83 -9.92
C ALA A 200 -14.20 26.77 -8.91
N THR A 201 -13.32 25.87 -9.33
CA THR A 201 -12.77 24.85 -8.45
C THR A 201 -11.39 25.31 -8.01
N LEU A 202 -11.18 25.34 -6.69
CA LEU A 202 -9.84 25.50 -6.12
C LEU A 202 -9.32 24.13 -5.74
N ARG A 203 -8.11 23.79 -6.19
CA ARG A 203 -7.50 22.52 -5.86
C ARG A 203 -6.22 22.77 -5.08
N CYS A 204 -6.14 22.21 -3.89
CA CYS A 204 -5.01 22.36 -2.98
C CYS A 204 -4.15 21.11 -3.09
N TRP A 205 -2.88 21.30 -3.45
CA TRP A 205 -1.96 20.20 -3.77
C TRP A 205 -0.92 20.02 -2.67
N ALA A 206 -0.65 18.76 -2.31
CA ALA A 206 0.46 18.40 -1.45
C ALA A 206 1.31 17.35 -2.16
N LEU A 207 2.59 17.67 -2.37
CA LEU A 207 3.44 16.84 -3.22
C LEU A 207 4.75 16.56 -2.50
N GLY A 208 5.35 15.41 -2.82
CA GLY A 208 6.71 15.13 -2.38
C GLY A 208 6.88 14.92 -0.89
N PHE A 209 5.85 14.45 -0.19
CA PHE A 209 5.95 14.30 1.26
C PHE A 209 6.19 12.86 1.68
N TYR A 210 6.75 12.72 2.89
CA TYR A 210 7.06 11.44 3.51
C TYR A 210 7.07 11.74 5.00
N PRO A 211 6.35 10.94 5.82
CA PRO A 211 5.56 9.73 5.46
C PRO A 211 4.22 10.06 4.82
N ALA A 212 3.42 9.03 4.53
CA ALA A 212 2.22 9.20 3.73
C ALA A 212 1.07 9.86 4.49
N GLU A 213 1.03 9.70 5.82
CA GLU A 213 -0.01 10.30 6.64
C GLU A 213 -0.07 11.82 6.47
N ILE A 214 -1.26 12.36 6.20
CA ILE A 214 -1.40 13.80 5.96
C ILE A 214 -2.89 14.14 6.06
N THR A 215 -3.17 15.40 6.40
CA THR A 215 -4.56 15.88 6.48
C THR A 215 -4.66 17.17 5.67
N LEU A 216 -5.59 17.19 4.72
CA LEU A 216 -5.95 18.39 3.97
C LEU A 216 -7.37 18.78 4.33
N THR A 217 -7.57 20.03 4.74
CA THR A 217 -8.91 20.50 5.09
C THR A 217 -9.15 21.86 4.47
N TRP A 218 -10.40 22.08 4.00
CA TRP A 218 -10.83 23.38 3.48
C TRP A 218 -11.65 24.09 4.55
N GLN A 219 -11.42 25.39 4.68
CA GLN A 219 -12.20 26.27 5.54
C GLN A 219 -12.80 27.39 4.69
N ARG A 220 -14.00 27.81 5.05
CA ARG A 220 -14.61 29.00 4.47
C ARG A 220 -14.79 30.00 5.61
N ASP A 221 -14.15 31.16 5.49
CA ASP A 221 -14.18 32.18 6.55
C ASP A 221 -13.82 31.58 7.89
N GLY A 222 -12.83 30.68 7.89
CA GLY A 222 -12.32 30.14 9.13
C GLY A 222 -13.08 28.97 9.70
N GLU A 223 -14.05 28.42 8.97
CA GLU A 223 -14.87 27.30 9.43
C GLU A 223 -14.67 26.10 8.50
N ASP A 224 -14.46 24.92 9.08
CA ASP A 224 -14.32 23.70 8.27
C ASP A 224 -15.48 23.53 7.30
N GLN A 225 -15.17 23.30 6.03
CA GLN A 225 -16.17 23.12 5.01
C GLN A 225 -16.02 21.73 4.40
N THR A 226 -17.12 20.98 4.35
CA THR A 226 -17.13 19.66 3.69
C THR A 226 -17.99 19.62 2.45
N GLN A 227 -19.08 20.38 2.41
CA GLN A 227 -19.91 20.50 1.22
C GLN A 227 -19.09 20.98 0.03
N ASP A 228 -19.39 20.43 -1.13
CA ASP A 228 -18.79 20.83 -2.39
C ASP A 228 -17.27 20.62 -2.39
N THR A 229 -16.77 19.71 -1.56
CA THR A 229 -15.36 19.37 -1.56
C THR A 229 -15.14 17.97 -2.13
N GLU A 230 -13.89 17.70 -2.50
CA GLU A 230 -13.47 16.38 -2.94
C GLU A 230 -12.03 16.15 -2.50
N LEU A 231 -11.72 14.91 -2.15
CA LEU A 231 -10.43 14.49 -1.62
C LEU A 231 -10.03 13.19 -2.29
N VAL A 232 -8.83 13.15 -2.89
CA VAL A 232 -8.39 11.88 -3.48
C VAL A 232 -7.57 11.10 -2.46
N GLU A 233 -7.58 9.79 -2.64
CA GLU A 233 -6.76 8.89 -1.85
C GLU A 233 -5.30 9.29 -2.00
N THR A 234 -4.57 9.29 -0.89
CA THR A 234 -3.13 9.53 -0.94
C THR A 234 -2.45 8.48 -1.82
N ARG A 235 -1.56 8.92 -2.71
CA ARG A 235 -1.01 8.06 -3.74
C ARG A 235 0.50 8.18 -3.78
N PRO A 236 1.20 7.10 -4.16
CA PRO A 236 2.66 7.16 -4.29
C PRO A 236 3.11 7.85 -5.56
N ALA A 237 4.15 8.67 -5.42
CA ALA A 237 4.77 9.31 -6.57
C ALA A 237 5.64 8.34 -7.36
N GLY A 238 6.20 7.35 -6.67
CA GLY A 238 7.09 6.40 -7.29
C GLY A 238 8.55 6.64 -6.97
N ASP A 239 8.87 7.79 -6.36
CA ASP A 239 10.22 8.09 -5.94
C ASP A 239 10.35 8.00 -4.41
N GLY A 240 9.42 7.29 -3.77
CA GLY A 240 9.38 7.15 -2.33
C GLY A 240 8.52 8.17 -1.61
N THR A 241 8.05 9.21 -2.31
CA THR A 241 7.20 10.23 -1.71
C THR A 241 5.75 9.99 -2.12
N PHE A 242 4.87 10.82 -1.56
CA PHE A 242 3.43 10.68 -1.74
C PHE A 242 2.82 12.02 -2.16
N GLN A 243 1.62 11.92 -2.71
CA GLN A 243 0.87 13.05 -3.24
C GLN A 243 -0.58 12.97 -2.77
N LYS A 244 -1.20 14.14 -2.63
CA LYS A 244 -2.63 14.17 -2.34
C LYS A 244 -3.15 15.53 -2.78
N TRP A 245 -4.44 15.59 -3.09
CA TRP A 245 -5.07 16.89 -3.27
C TRP A 245 -6.47 16.88 -2.71
N ALA A 246 -6.96 18.09 -2.42
CA ALA A 246 -8.31 18.37 -1.98
C ALA A 246 -8.84 19.53 -2.80
N ALA A 247 -10.14 19.52 -3.12
CA ALA A 247 -10.65 20.58 -3.99
C ALA A 247 -11.97 21.07 -3.45
N VAL A 248 -12.31 22.31 -3.78
CA VAL A 248 -13.57 22.93 -3.37
C VAL A 248 -14.12 23.74 -4.52
N VAL A 249 -15.45 23.72 -4.69
CA VAL A 249 -16.16 24.59 -5.63
C VAL A 249 -16.62 25.84 -4.88
N VAL A 250 -16.32 27.01 -5.44
CA VAL A 250 -16.57 28.30 -4.77
C VAL A 250 -17.24 29.27 -5.74
N PRO A 251 -18.01 30.24 -5.26
CA PRO A 251 -18.48 31.32 -6.15
C PRO A 251 -17.29 32.13 -6.65
N SER A 252 -17.29 32.41 -7.95
CA SER A 252 -16.21 33.24 -8.50
C SER A 252 -16.24 34.63 -7.89
N GLY A 253 -15.05 35.12 -7.52
CA GLY A 253 -14.90 36.37 -6.79
C GLY A 253 -14.79 36.19 -5.30
N GLU A 254 -15.13 35.01 -4.77
CA GLU A 254 -15.10 34.74 -3.35
C GLU A 254 -13.94 33.81 -2.98
N GLU A 255 -12.99 33.57 -3.89
CA GLU A 255 -11.89 32.65 -3.61
C GLU A 255 -11.15 33.01 -2.33
N GLN A 256 -11.03 34.30 -2.03
CA GLN A 256 -10.25 34.76 -0.88
C GLN A 256 -10.84 34.27 0.44
N ARG A 257 -12.11 33.88 0.47
CA ARG A 257 -12.72 33.38 1.70
C ARG A 257 -12.21 32.00 2.09
N TYR A 258 -11.63 31.25 1.15
CA TYR A 258 -11.33 29.84 1.37
C TYR A 258 -9.86 29.64 1.67
N THR A 259 -9.58 28.78 2.65
CA THR A 259 -8.22 28.45 3.01
C THR A 259 -8.03 26.94 3.05
N CYS A 260 -6.89 26.49 2.56
CA CYS A 260 -6.54 25.07 2.63
C CYS A 260 -5.55 24.89 3.76
N HIS A 261 -5.81 23.94 4.65
CA HIS A 261 -5.00 23.74 5.83
C HIS A 261 -4.32 22.39 5.74
N VAL A 262 -2.99 22.37 5.85
CA VAL A 262 -2.19 21.17 5.60
C VAL A 262 -1.53 20.78 6.91
N GLN A 263 -1.80 19.56 7.37
CA GLN A 263 -1.16 19.00 8.56
C GLN A 263 -0.29 17.81 8.20
N HIS A 264 0.95 17.82 8.68
CA HIS A 264 1.88 16.74 8.39
C HIS A 264 2.96 16.70 9.46
N GLU A 265 3.52 15.50 9.68
CA GLU A 265 4.58 15.34 10.66
C GLU A 265 5.78 16.24 10.39
N GLY A 266 6.04 16.55 9.13
CA GLY A 266 7.19 17.37 8.84
C GLY A 266 6.94 18.83 8.98
N LEU A 267 5.75 19.21 9.44
CA LEU A 267 5.35 20.61 9.53
C LEU A 267 5.24 21.01 10.99
N PRO A 268 6.18 21.81 11.52
CA PRO A 268 6.04 22.30 12.90
C PRO A 268 4.69 22.95 13.16
N LYS A 269 4.28 23.82 12.27
CA LYS A 269 2.99 24.46 12.22
C LYS A 269 2.22 23.94 11.03
N PRO A 270 0.90 23.79 11.13
CA PRO A 270 0.09 23.57 9.94
C PRO A 270 0.26 24.71 8.95
N LEU A 271 0.23 24.37 7.67
CA LEU A 271 0.28 25.33 6.57
C LEU A 271 -1.10 25.79 6.17
N THR A 272 -1.24 27.07 5.91
CA THR A 272 -2.48 27.65 5.40
C THR A 272 -2.18 28.26 4.04
N LEU A 273 -2.97 27.88 3.02
CA LEU A 273 -2.87 28.43 1.67
C LEU A 273 -4.15 29.17 1.34
N ARG A 274 -4.03 30.23 0.56
CA ARG A 274 -5.21 31.02 0.22
C ARG A 274 -5.02 31.59 -1.18
N TRP A 275 -6.04 31.44 -2.03
CA TRP A 275 -6.00 32.01 -3.37
C TRP A 275 -6.25 33.50 -3.24
N GLU A 276 -5.20 34.30 -3.41
CA GLU A 276 -5.29 35.72 -3.07
C GLU A 276 -5.48 36.56 -4.34
N ILE B 2 -19.41 -8.39 -3.56
CA ILE B 2 -18.58 -9.35 -2.85
C ILE B 2 -17.13 -9.18 -3.29
N GLN B 3 -16.92 -9.08 -4.60
CA GLN B 3 -15.62 -8.75 -5.16
C GLN B 3 -15.53 -7.24 -5.26
N ARG B 4 -14.34 -6.69 -5.03
CA ARG B 4 -14.12 -5.25 -4.92
C ARG B 4 -13.46 -4.72 -6.18
N THR B 5 -14.05 -3.71 -6.77
CA THR B 5 -13.55 -3.17 -8.03
C THR B 5 -12.48 -2.10 -7.79
N PRO B 6 -11.50 -1.99 -8.67
CA PRO B 6 -10.36 -1.10 -8.40
C PRO B 6 -10.72 0.37 -8.54
N LYS B 7 -10.22 1.16 -7.59
CA LYS B 7 -10.09 2.60 -7.79
C LYS B 7 -8.85 2.83 -8.66
N ILE B 8 -8.95 3.82 -9.55
CA ILE B 8 -7.90 4.11 -10.53
C ILE B 8 -7.56 5.59 -10.46
N GLN B 9 -6.28 5.92 -10.35
CA GLN B 9 -5.78 7.28 -10.49
C GLN B 9 -4.65 7.28 -11.51
N VAL B 10 -4.68 8.25 -12.41
CA VAL B 10 -3.67 8.38 -13.46
C VAL B 10 -3.06 9.76 -13.34
N TYR B 11 -1.73 9.83 -13.23
CA TYR B 11 -1.08 11.09 -12.87
C TYR B 11 0.40 10.99 -13.17
N SER B 12 1.07 12.14 -13.19
CA SER B 12 2.52 12.15 -13.40
C SER B 12 3.25 12.25 -12.06
N ARG B 13 4.48 11.73 -12.03
CA ARG B 13 5.27 11.82 -10.81
C ARG B 13 5.59 13.28 -10.49
N HIS B 14 5.97 14.06 -11.50
CA HIS B 14 6.31 15.46 -11.37
C HIS B 14 5.31 16.31 -12.13
N PRO B 15 5.23 17.62 -11.83
CA PRO B 15 4.35 18.49 -12.60
C PRO B 15 4.60 18.31 -14.09
N ALA B 16 3.52 18.24 -14.86
CA ALA B 16 3.62 17.89 -16.26
C ALA B 16 3.96 19.13 -17.08
N GLU B 17 5.10 19.08 -17.77
CA GLU B 17 5.48 20.15 -18.68
C GLU B 17 5.84 19.55 -20.04
N ASN B 18 5.25 20.09 -21.11
CA ASN B 18 5.50 19.52 -22.43
C ASN B 18 6.97 19.50 -22.75
N GLY B 19 7.44 18.37 -23.29
CA GLY B 19 8.82 18.19 -23.68
C GLY B 19 9.77 17.78 -22.56
N LYS B 20 9.29 17.62 -21.34
CA LYS B 20 10.15 17.40 -20.19
C LYS B 20 9.90 15.98 -19.65
N SER B 21 10.96 15.16 -19.64
CA SER B 21 10.88 13.79 -19.16
C SER B 21 10.24 13.70 -17.78
N ASN B 22 9.46 12.65 -17.56
CA ASN B 22 8.60 12.55 -16.39
C ASN B 22 8.27 11.06 -16.25
N PHE B 23 7.41 10.72 -15.30
CA PHE B 23 6.90 9.37 -15.15
C PHE B 23 5.39 9.44 -15.16
N LEU B 24 4.75 8.57 -15.95
CA LEU B 24 3.30 8.39 -15.91
C LEU B 24 2.95 7.24 -14.98
N ASN B 25 2.02 7.49 -14.05
CA ASN B 25 1.65 6.54 -13.00
C ASN B 25 0.21 6.09 -13.22
N CYS B 26 -0.07 4.81 -13.02
CA CYS B 26 -1.44 4.34 -12.84
C CYS B 26 -1.50 3.61 -11.52
N TYR B 27 -2.23 4.17 -10.57
CA TYR B 27 -2.32 3.62 -9.21
C TYR B 27 -3.69 2.94 -9.08
N VAL B 28 -3.69 1.62 -8.90
CA VAL B 28 -4.92 0.84 -8.69
C VAL B 28 -4.96 0.36 -7.25
N SER B 29 -6.12 0.54 -6.60
CA SER B 29 -6.23 0.22 -5.18
C SER B 29 -7.67 -0.22 -4.91
N GLY B 30 -7.89 -0.70 -3.69
CA GLY B 30 -9.21 -1.08 -3.25
C GLY B 30 -9.79 -2.29 -3.95
N PHE B 31 -8.98 -3.13 -4.58
CA PHE B 31 -9.53 -4.24 -5.35
C PHE B 31 -9.28 -5.59 -4.70
N HIS B 32 -10.11 -6.55 -5.09
CA HIS B 32 -9.99 -7.93 -4.64
C HIS B 32 -10.82 -8.78 -5.60
N PRO B 33 -10.30 -9.91 -6.10
CA PRO B 33 -9.00 -10.53 -5.81
C PRO B 33 -7.83 -9.81 -6.48
N SER B 34 -6.61 -10.33 -6.31
CA SER B 34 -5.40 -9.62 -6.72
C SER B 34 -5.09 -9.72 -8.19
N ASP B 35 -5.69 -10.67 -8.92
CA ASP B 35 -5.38 -10.79 -10.34
C ASP B 35 -6.00 -9.61 -11.09
N ILE B 36 -5.17 -8.90 -11.85
CA ILE B 36 -5.56 -7.65 -12.48
C ILE B 36 -4.63 -7.44 -13.66
N GLU B 37 -5.15 -6.83 -14.72
CA GLU B 37 -4.37 -6.45 -15.88
C GLU B 37 -4.37 -4.94 -15.99
N VAL B 38 -3.18 -4.34 -16.08
CA VAL B 38 -3.09 -2.89 -16.18
C VAL B 38 -2.12 -2.55 -17.30
N ASP B 39 -2.59 -1.74 -18.25
CA ASP B 39 -1.76 -1.26 -19.33
C ASP B 39 -1.80 0.27 -19.33
N LEU B 40 -0.67 0.87 -19.69
CA LEU B 40 -0.61 2.29 -19.97
C LEU B 40 -0.67 2.46 -21.48
N LEU B 41 -1.40 3.48 -21.94
CA LEU B 41 -1.68 3.67 -23.35
C LEU B 41 -1.16 5.03 -23.83
N LYS B 42 -0.60 5.05 -25.03
CA LYS B 42 -0.24 6.28 -25.72
C LYS B 42 -1.08 6.38 -26.99
N ASN B 43 -1.97 7.35 -27.05
CA ASN B 43 -2.92 7.49 -28.16
C ASN B 43 -3.59 6.15 -28.48
N GLY B 44 -4.04 5.47 -27.42
CA GLY B 44 -4.74 4.22 -27.56
C GLY B 44 -3.88 2.98 -27.70
N GLU B 45 -2.55 3.11 -27.72
CA GLU B 45 -1.69 1.97 -28.02
C GLU B 45 -0.87 1.61 -26.80
N ARG B 46 -0.64 0.31 -26.61
CA ARG B 46 0.00 -0.18 -25.39
C ARG B 46 1.48 0.18 -25.33
N ILE B 47 1.88 0.80 -24.23
CA ILE B 47 3.30 1.04 -23.92
C ILE B 47 3.92 -0.22 -23.35
N GLU B 48 5.06 -0.63 -23.89
CA GLU B 48 5.55 -1.95 -23.52
C GLU B 48 6.58 -1.94 -22.41
N LYS B 49 7.23 -0.83 -22.12
CA LYS B 49 8.21 -0.79 -21.04
C LYS B 49 7.57 -0.30 -19.73
N VAL B 50 6.62 -1.08 -19.20
CA VAL B 50 5.85 -0.69 -18.02
C VAL B 50 6.18 -1.60 -16.85
N GLU B 51 6.54 -0.99 -15.72
CA GLU B 51 6.90 -1.70 -14.51
C GLU B 51 5.78 -1.52 -13.48
N HIS B 52 5.82 -2.34 -12.43
CA HIS B 52 4.86 -2.15 -11.35
C HIS B 52 5.48 -2.51 -10.00
N SER B 53 4.92 -1.92 -8.95
CA SER B 53 5.35 -2.22 -7.59
C SER B 53 5.01 -3.65 -7.22
N ASP B 54 5.57 -4.12 -6.13
CA ASP B 54 5.19 -5.42 -5.63
C ASP B 54 3.85 -5.36 -4.93
N LEU B 55 3.06 -6.41 -5.15
CA LEU B 55 1.71 -6.54 -4.59
C LEU B 55 1.73 -6.37 -3.08
N SER B 56 0.89 -5.46 -2.59
CA SER B 56 0.69 -5.26 -1.17
C SER B 56 -0.80 -4.97 -0.93
N PHE B 57 -1.20 -4.80 0.32
CA PHE B 57 -2.62 -4.61 0.56
C PHE B 57 -2.84 -3.75 1.78
N SER B 58 -4.08 -3.25 1.89
CA SER B 58 -4.50 -2.31 2.92
C SER B 58 -5.06 -3.04 4.13
N LYS B 59 -5.39 -2.26 5.16
CA LYS B 59 -5.92 -2.79 6.41
C LYS B 59 -7.17 -3.65 6.18
N ASP B 60 -7.97 -3.29 5.18
CA ASP B 60 -9.21 -4.01 4.88
C ASP B 60 -9.02 -5.12 3.86
N TRP B 61 -7.78 -5.53 3.63
CA TRP B 61 -7.32 -6.62 2.79
C TRP B 61 -7.38 -6.29 1.29
N SER B 62 -7.88 -5.14 0.90
CA SER B 62 -7.88 -4.81 -0.52
C SER B 62 -6.47 -4.49 -1.02
N PHE B 63 -6.19 -4.83 -2.28
CA PHE B 63 -4.85 -4.76 -2.82
C PHE B 63 -4.58 -3.41 -3.47
N TYR B 64 -3.29 -3.07 -3.61
CA TYR B 64 -2.91 -1.91 -4.39
C TYR B 64 -1.61 -2.17 -5.13
N LEU B 65 -1.49 -1.54 -6.28
CA LEU B 65 -0.37 -1.64 -7.19
C LEU B 65 -0.13 -0.29 -7.84
N LEU B 66 1.14 0.06 -8.07
CA LEU B 66 1.49 1.20 -8.90
C LEU B 66 2.12 0.71 -10.19
N TYR B 67 1.53 1.08 -11.32
CA TYR B 67 2.13 0.86 -12.64
C TYR B 67 2.72 2.17 -13.16
N TYR B 68 3.91 2.11 -13.76
CA TYR B 68 4.55 3.36 -14.15
C TYR B 68 5.48 3.12 -15.34
N THR B 69 5.74 4.21 -16.07
CA THR B 69 6.64 4.23 -17.20
C THR B 69 7.20 5.64 -17.35
N GLU B 70 8.44 5.70 -17.80
CA GLU B 70 9.05 6.96 -18.17
C GLU B 70 8.30 7.52 -19.37
N PHE B 71 8.10 8.83 -19.41
CA PHE B 71 7.39 9.41 -20.54
C PHE B 71 7.66 10.91 -20.63
N THR B 72 7.47 11.43 -21.84
CA THR B 72 7.53 12.87 -22.10
C THR B 72 6.19 13.38 -22.62
N PRO B 73 5.44 14.14 -21.83
CA PRO B 73 4.20 14.76 -22.32
C PRO B 73 4.47 15.72 -23.48
N THR B 74 3.48 15.84 -24.40
CA THR B 74 3.70 16.66 -25.59
C THR B 74 2.55 17.57 -26.01
N GLU B 75 1.50 17.72 -25.20
CA GLU B 75 0.39 18.63 -25.54
C GLU B 75 -0.47 18.06 -26.66
N LYS B 76 0.00 17.02 -27.30
CA LYS B 76 -0.67 16.39 -28.44
C LYS B 76 -1.05 14.96 -28.14
N ASP B 77 -0.10 14.19 -27.61
CA ASP B 77 -0.35 12.79 -27.33
C ASP B 77 -1.27 12.65 -26.12
N GLU B 78 -2.12 11.64 -26.17
CA GLU B 78 -3.05 11.40 -25.09
C GLU B 78 -2.65 10.12 -24.37
N TYR B 79 -2.62 10.16 -23.05
CA TYR B 79 -2.18 9.04 -22.25
C TYR B 79 -3.35 8.55 -21.40
N ALA B 80 -3.37 7.24 -21.14
CA ALA B 80 -4.48 6.66 -20.40
C ALA B 80 -4.03 5.37 -19.75
N CYS B 81 -4.84 4.90 -18.80
CA CYS B 81 -4.62 3.64 -18.12
C CYS B 81 -5.80 2.73 -18.41
N ARG B 82 -5.52 1.50 -18.79
CA ARG B 82 -6.55 0.51 -19.11
C ARG B 82 -6.48 -0.62 -18.08
N VAL B 83 -7.57 -0.83 -17.37
CA VAL B 83 -7.61 -1.79 -16.28
C VAL B 83 -8.65 -2.85 -16.59
N ASN B 84 -8.28 -4.10 -16.46
CA ASN B 84 -9.27 -5.17 -16.56
C ASN B 84 -9.21 -6.03 -15.29
N HIS B 85 -10.39 -6.37 -14.77
CA HIS B 85 -10.51 -7.06 -13.50
C HIS B 85 -11.83 -7.82 -13.50
N VAL B 86 -11.92 -8.87 -12.68
CA VAL B 86 -13.08 -9.75 -12.76
C VAL B 86 -14.36 -9.00 -12.44
N THR B 87 -14.26 -7.94 -11.64
CA THR B 87 -15.40 -7.09 -11.33
C THR B 87 -15.90 -6.27 -12.52
N LEU B 88 -15.18 -6.25 -13.63
CA LEU B 88 -15.49 -5.36 -14.74
C LEU B 88 -16.06 -6.16 -15.91
N SER B 89 -17.16 -5.68 -16.48
CA SER B 89 -17.73 -6.33 -17.65
C SER B 89 -16.99 -6.01 -18.94
N GLN B 90 -16.06 -5.06 -18.91
CA GLN B 90 -15.15 -4.76 -20.01
C GLN B 90 -14.05 -3.87 -19.48
N PRO B 91 -12.86 -3.87 -20.09
CA PRO B 91 -11.75 -3.08 -19.54
C PRO B 91 -12.13 -1.61 -19.40
N LYS B 92 -11.68 -1.00 -18.30
CA LYS B 92 -11.94 0.41 -18.02
C LYS B 92 -10.76 1.27 -18.49
N ILE B 93 -11.06 2.37 -19.16
CA ILE B 93 -10.05 3.32 -19.64
C ILE B 93 -10.19 4.59 -18.82
N VAL B 94 -9.13 4.98 -18.12
CA VAL B 94 -9.11 6.25 -17.41
C VAL B 94 -8.08 7.14 -18.09
N LYS B 95 -8.52 8.28 -18.61
CA LYS B 95 -7.64 9.18 -19.34
C LYS B 95 -6.84 9.99 -18.33
N TRP B 96 -5.58 10.24 -18.66
CA TRP B 96 -4.77 11.12 -17.82
C TRP B 96 -5.24 12.56 -17.96
N ASP B 97 -5.49 13.21 -16.83
CA ASP B 97 -5.80 14.63 -16.82
C ASP B 97 -4.69 15.30 -16.03
N ARG B 98 -3.91 16.16 -16.70
CA ARG B 98 -2.81 16.80 -16.02
C ARG B 98 -3.25 18.03 -15.24
N ASP B 99 -4.14 18.83 -15.83
CA ASP B 99 -4.47 20.14 -15.28
C ASP B 99 -4.99 20.06 -13.87
N MET B 100 -5.54 18.91 -13.49
CA MET B 100 -6.14 18.68 -12.18
C MET B 100 -5.35 19.22 -11.01
N VAL C 1 13.59 -8.28 9.94
CA VAL C 1 13.55 -9.73 9.68
C VAL C 1 12.14 -10.29 9.80
N VAL C 2 11.86 -11.33 8.99
CA VAL C 2 10.56 -12.01 9.04
C VAL C 2 10.45 -12.83 10.30
N GLY C 3 9.19 -13.14 10.67
CA GLY C 3 8.93 -14.08 11.73
C GLY C 3 9.27 -15.49 11.29
N ALA C 4 9.29 -16.39 12.26
CA ALA C 4 9.59 -17.76 11.90
C ALA C 4 8.33 -18.46 11.35
N ASP C 5 8.56 -19.59 10.69
CA ASP C 5 7.47 -20.43 10.21
C ASP C 5 6.56 -20.83 11.36
N GLY C 6 5.24 -20.74 11.12
CA GLY C 6 4.26 -20.93 12.17
C GLY C 6 3.57 -22.28 12.12
N VAL C 7 2.59 -22.44 13.01
CA VAL C 7 1.76 -23.63 13.08
C VAL C 7 0.73 -23.59 11.95
N GLY C 8 0.46 -24.75 11.34
CA GLY C 8 -0.55 -24.80 10.30
C GLY C 8 -1.95 -24.48 10.79
N LYS C 9 -2.78 -24.00 9.88
CA LYS C 9 -4.17 -23.66 10.24
C LYS C 9 -5.05 -24.90 10.25
#